data_7UBP
#
_entry.id   7UBP
#
_cell.length_a   124.508
_cell.length_b   124.508
_cell.length_c   82.901
_cell.angle_alpha   90.000
_cell.angle_beta   90.000
_cell.angle_gamma   90.000
#
_symmetry.space_group_name_H-M   'I 41 2 2'
#
loop_
_entity.id
_entity.type
_entity.pdbx_description
1 polymer 'Pyridoxal phosphate homeostasis protein'
2 non-polymer "PYRIDOXAL-5'-PHOSPHATE"
3 non-polymer 'SULFATE ION'
4 water water
#
_entity_poly.entity_id   1
_entity_poly.type   'polypeptide(L)'
_entity_poly.pdbx_seq_one_letter_code
;MNDIAHNLAQVRDKISAAATRCGRSPEEITLLAVSATKPASAIAEAIDAGQRQFGENYVQEGVDKIRHFQELGVTGLEWH
FIGPLQSNKSRLVAEHFDWCHTIDRLRIATRLNDQRPAELPPLNVLIQINISDENSASGIQLAELDELAAAVAELPRLRL
RGLMAIPAPESEYVRQFEVARQMAVAFAGLKTRYPHIDTLSLGMSDDMEAAIAAGSTMVRIGTAIFGARDYSKK
;
_entity_poly.pdbx_strand_id   A
#
loop_
_chem_comp.id
_chem_comp.type
_chem_comp.name
_chem_comp.formula
PLP non-polymer PYRIDOXAL-5'-PHOSPHATE 'C8 H10 N O6 P'
SO4 non-polymer 'SULFATE ION' 'O4 S -2'
#
# COMPACT_ATOMS: atom_id res chain seq x y z
N ASP A 3 -16.09 13.60 12.10
CA ASP A 3 -14.98 13.55 13.05
C ASP A 3 -13.94 12.50 12.62
N ILE A 4 -12.70 12.95 12.36
CA ILE A 4 -11.66 12.04 11.88
C ILE A 4 -11.34 11.00 12.94
N ALA A 5 -11.12 11.44 14.19
CA ALA A 5 -10.82 10.51 15.28
C ALA A 5 -11.91 9.44 15.41
N HIS A 6 -13.18 9.85 15.35
CA HIS A 6 -14.27 8.87 15.43
C HIS A 6 -14.23 7.91 14.26
N ASN A 7 -13.96 8.42 13.05
CA ASN A 7 -13.92 7.54 11.88
C ASN A 7 -12.75 6.58 11.95
N LEU A 8 -11.59 7.04 12.42
CA LEU A 8 -10.47 6.12 12.62
C LEU A 8 -10.87 4.96 13.51
N ALA A 9 -11.48 5.27 14.65
CA ALA A 9 -11.88 4.21 15.58
C ALA A 9 -12.95 3.31 14.95
N GLN A 10 -13.86 3.88 14.17
CA GLN A 10 -14.87 3.07 13.52
C GLN A 10 -14.25 2.11 12.51
N VAL A 11 -13.26 2.57 11.74
CA VAL A 11 -12.64 1.72 10.72
C VAL A 11 -11.87 0.58 11.39
N ARG A 12 -11.08 0.91 12.40
CA ARG A 12 -10.29 -0.09 13.10
C ARG A 12 -11.16 -1.19 13.70
N ASP A 13 -12.36 -0.83 14.18
CA ASP A 13 -13.29 -1.83 14.71
C ASP A 13 -13.78 -2.74 13.61
N LYS A 14 -14.10 -2.17 12.44
CA LYS A 14 -14.53 -3.00 11.31
C LYS A 14 -13.42 -3.92 10.83
N ILE A 15 -12.19 -3.41 10.79
CA ILE A 15 -11.07 -4.28 10.44
C ILE A 15 -10.94 -5.40 11.46
N SER A 16 -10.94 -5.02 12.74
CA SER A 16 -10.76 -5.99 13.81
C SER A 16 -11.83 -7.08 13.77
N ALA A 17 -13.10 -6.68 13.61
CA ALA A 17 -14.18 -7.66 13.50
C ALA A 17 -13.98 -8.59 12.31
N ALA A 18 -13.63 -8.01 11.15
CA ALA A 18 -13.49 -8.82 9.93
C ALA A 18 -12.40 -9.86 10.08
N ALA A 19 -11.27 -9.49 10.68
CA ALA A 19 -10.20 -10.46 10.91
C ALA A 19 -10.64 -11.56 11.87
N THR A 20 -11.27 -11.17 12.97
CA THR A 20 -11.72 -12.13 13.99
CA THR A 20 -11.70 -12.14 13.97
C THR A 20 -12.72 -13.13 13.40
N ARG A 21 -13.66 -12.64 12.59
CA ARG A 21 -14.70 -13.52 12.05
C ARG A 21 -14.12 -14.67 11.24
N CYS A 22 -13.08 -14.40 10.44
CA CYS A 22 -12.45 -15.44 9.65
C CYS A 22 -11.20 -16.02 10.33
N GLY A 23 -11.06 -15.83 11.65
CA GLY A 23 -10.05 -16.52 12.42
C GLY A 23 -8.66 -15.94 12.34
N ARG A 24 -8.52 -14.68 11.95
CA ARG A 24 -7.21 -14.07 11.88
C ARG A 24 -7.08 -13.08 13.04
N SER A 25 -5.87 -12.86 13.45
CA SER A 25 -5.70 -11.88 14.50
C SER A 25 -5.80 -10.48 13.90
N PRO A 26 -6.52 -9.56 14.55
CA PRO A 26 -6.56 -8.17 14.05
C PRO A 26 -5.19 -7.56 13.80
N GLU A 27 -4.17 -8.02 14.54
CA GLU A 27 -2.81 -7.51 14.38
C GLU A 27 -2.21 -7.87 13.03
N GLU A 28 -2.77 -8.84 12.32
CA GLU A 28 -2.27 -9.16 10.99
C GLU A 28 -2.56 -8.06 9.98
N ILE A 29 -3.55 -7.19 10.22
CA ILE A 29 -4.02 -6.23 9.23
C ILE A 29 -3.44 -4.86 9.55
N THR A 30 -2.70 -4.29 8.60
CA THR A 30 -2.24 -2.91 8.69
C THR A 30 -3.28 -1.99 8.07
N LEU A 31 -3.60 -0.91 8.77
CA LEU A 31 -4.50 0.10 8.24
C LEU A 31 -3.68 1.22 7.61
N LEU A 32 -3.81 1.39 6.30
CA LEU A 32 -3.15 2.49 5.61
C LEU A 32 -4.18 3.57 5.33
N ALA A 33 -4.03 4.72 5.98
CA ALA A 33 -4.95 5.84 5.82
C ALA A 33 -4.58 6.60 4.56
N VAL A 34 -5.47 6.53 3.56
CA VAL A 34 -5.21 7.20 2.28
C VAL A 34 -5.64 8.66 2.44
N SER A 35 -4.66 9.53 2.59
CA SER A 35 -4.87 10.94 2.85
C SER A 35 -4.72 11.80 1.59
N ALA A 36 -4.59 11.18 0.42
CA ALA A 36 -4.47 11.93 -0.82
C ALA A 36 -5.59 12.96 -0.95
N THR A 37 -5.27 14.11 -1.54
CA THR A 37 -6.16 15.26 -1.73
C THR A 37 -6.72 15.83 -0.42
N LYS A 38 -6.38 15.21 0.75
CA LYS A 38 -6.83 15.85 1.98
C LYS A 38 -5.75 16.77 2.54
N PRO A 39 -6.12 17.85 3.22
CA PRO A 39 -5.11 18.81 3.70
C PRO A 39 -4.27 18.23 4.84
N ALA A 40 -3.09 18.82 5.02
CA ALA A 40 -2.18 18.37 6.06
C ALA A 40 -2.84 18.46 7.44
N SER A 41 -3.69 19.46 7.65
CA SER A 41 -4.39 19.58 8.93
C SER A 41 -5.19 18.31 9.24
N ALA A 42 -5.71 17.64 8.22
CA ALA A 42 -6.49 16.42 8.43
C ALA A 42 -5.59 15.26 8.86
N ILE A 43 -4.42 15.14 8.23
CA ILE A 43 -3.44 14.15 8.69
C ILE A 43 -3.05 14.44 10.13
N ALA A 44 -2.89 15.72 10.48
CA ALA A 44 -2.51 16.10 11.84
C ALA A 44 -3.51 15.57 12.86
N GLU A 45 -4.80 15.60 12.54
CA GLU A 45 -5.80 15.03 13.43
C GLU A 45 -5.64 13.52 13.52
N ALA A 46 -5.57 12.85 12.37
CA ALA A 46 -5.26 11.43 12.32
C ALA A 46 -4.04 11.09 13.17
N ILE A 47 -2.94 11.83 13.00
CA ILE A 47 -1.75 11.61 13.82
C ILE A 47 -2.09 11.75 15.30
N ASP A 48 -2.79 12.83 15.66
CA ASP A 48 -3.16 13.02 17.07
C ASP A 48 -4.11 11.93 17.55
N ALA A 49 -4.82 11.27 16.63
CA ALA A 49 -5.64 10.12 16.97
C ALA A 49 -4.87 8.80 16.89
N GLY A 50 -3.54 8.83 16.77
CA GLY A 50 -2.75 7.61 16.84
C GLY A 50 -2.38 6.97 15.52
N GLN A 51 -2.88 7.47 14.37
CA GLN A 51 -2.55 6.87 13.08
C GLN A 51 -1.17 7.31 12.63
N ARG A 52 -0.41 6.36 12.07
CA ARG A 52 0.97 6.61 11.70
CA ARG A 52 0.99 6.56 11.70
C ARG A 52 1.30 6.27 10.25
N GLN A 53 0.48 5.49 9.56
CA GLN A 53 0.75 5.04 8.20
C GLN A 53 -0.21 5.74 7.24
N PHE A 54 0.35 6.53 6.32
CA PHE A 54 -0.46 7.33 5.40
C PHE A 54 -0.05 7.07 3.95
N GLY A 55 -1.04 7.07 3.06
CA GLY A 55 -0.81 6.81 1.64
C GLY A 55 -1.17 8.00 0.78
N GLU A 56 -0.31 8.30 -0.20
CA GLU A 56 -0.50 9.42 -1.11
C GLU A 56 -0.39 8.91 -2.54
N ASN A 57 -1.18 9.51 -3.44
CA ASN A 57 -1.21 9.15 -4.85
C ASN A 57 -0.38 10.09 -5.73
N TYR A 58 -0.15 11.32 -5.30
CA TYR A 58 0.57 12.30 -6.09
C TYR A 58 1.87 12.68 -5.38
N VAL A 59 2.96 12.77 -6.16
CA VAL A 59 4.30 12.84 -5.58
C VAL A 59 4.50 14.16 -4.83
N GLN A 60 4.19 15.28 -5.49
CA GLN A 60 4.54 16.57 -4.88
C GLN A 60 3.68 16.85 -3.66
N GLU A 61 2.38 16.56 -3.73
CA GLU A 61 1.52 16.62 -2.55
C GLU A 61 2.08 15.81 -1.42
N GLY A 62 2.53 14.58 -1.71
CA GLY A 62 3.04 13.71 -0.66
C GLY A 62 4.30 14.27 -0.03
N VAL A 63 5.25 14.67 -0.88
CA VAL A 63 6.53 15.17 -0.39
C VAL A 63 6.32 16.43 0.44
N ASP A 64 5.39 17.29 0.03
CA ASP A 64 5.09 18.50 0.81
C ASP A 64 4.56 18.16 2.19
N LYS A 65 3.66 17.18 2.28
CA LYS A 65 3.17 16.70 3.57
C LYS A 65 4.28 16.08 4.40
N ILE A 66 5.09 15.22 3.77
CA ILE A 66 6.19 14.54 4.45
C ILE A 66 7.12 15.56 5.10
N ARG A 67 7.50 16.60 4.36
CA ARG A 67 8.34 17.64 4.90
C ARG A 67 7.63 18.44 5.98
N HIS A 68 6.31 18.66 5.82
CA HIS A 68 5.56 19.43 6.81
C HIS A 68 5.67 18.80 8.20
N PHE A 69 5.45 17.50 8.28
CA PHE A 69 5.46 16.81 9.57
C PHE A 69 6.88 16.51 10.05
N GLN A 70 7.83 16.36 9.13
CA GLN A 70 9.23 16.27 9.53
C GLN A 70 9.68 17.53 10.25
N GLU A 71 9.25 18.69 9.76
CA GLU A 71 9.71 19.96 10.33
C GLU A 71 9.05 20.24 11.67
N LEU A 72 7.77 19.87 11.82
CA LEU A 72 7.16 19.92 13.14
C LEU A 72 7.84 18.97 14.12
N GLY A 73 8.80 18.18 13.65
CA GLY A 73 9.44 17.23 14.52
C GLY A 73 8.55 16.08 14.94
N VAL A 74 7.54 15.75 14.14
CA VAL A 74 6.75 14.55 14.39
C VAL A 74 7.51 13.36 13.83
N THR A 75 7.85 12.42 14.70
CA THR A 75 8.60 11.24 14.30
C THR A 75 7.70 10.01 14.35
N GLY A 76 8.16 8.92 13.73
CA GLY A 76 7.44 7.65 13.80
C GLY A 76 6.43 7.39 12.69
N LEU A 77 6.37 8.26 11.67
CA LEU A 77 5.40 8.13 10.58
C LEU A 77 5.94 7.24 9.48
N GLU A 78 5.01 6.63 8.73
CA GLU A 78 5.37 5.79 7.59
C GLU A 78 4.56 6.19 6.38
N TRP A 79 5.24 6.61 5.32
CA TRP A 79 4.61 7.19 4.14
C TRP A 79 4.70 6.21 2.96
N HIS A 80 3.53 5.90 2.39
CA HIS A 80 3.41 4.95 1.29
C HIS A 80 2.98 5.70 0.03
N PHE A 81 3.78 5.58 -1.04
CA PHE A 81 3.35 6.08 -2.34
C PHE A 81 2.58 4.99 -3.07
N ILE A 82 1.32 5.28 -3.38
CA ILE A 82 0.40 4.29 -3.92
C ILE A 82 -0.23 4.74 -5.23
N GLY A 83 0.23 5.87 -5.81
CA GLY A 83 -0.17 6.28 -7.14
C GLY A 83 0.77 5.76 -8.22
N PRO A 84 0.38 5.88 -9.49
CA PRO A 84 1.31 5.53 -10.57
C PRO A 84 2.50 6.47 -10.57
N LEU A 85 3.67 5.92 -10.89
CA LEU A 85 4.92 6.65 -10.75
C LEU A 85 5.56 6.88 -12.13
N GLN A 86 5.62 8.13 -12.54
CA GLN A 86 6.33 8.49 -13.76
C GLN A 86 7.82 8.68 -13.47
N SER A 87 8.65 8.37 -14.47
CA SER A 87 10.10 8.40 -14.27
C SER A 87 10.60 9.80 -13.91
N ASN A 88 9.93 10.86 -14.37
CA ASN A 88 10.38 12.20 -14.03
C ASN A 88 9.92 12.65 -12.64
N LYS A 89 9.32 11.77 -11.84
CA LYS A 89 9.04 12.08 -10.44
C LYS A 89 9.58 11.01 -9.50
N SER A 90 10.37 10.06 -10.02
CA SER A 90 10.87 8.96 -9.21
C SER A 90 11.84 9.44 -8.12
N ARG A 91 12.57 10.53 -8.38
CA ARG A 91 13.60 10.93 -7.43
C ARG A 91 12.98 11.40 -6.11
N LEU A 92 11.91 12.20 -6.18
CA LEU A 92 11.23 12.65 -4.98
C LEU A 92 10.68 11.47 -4.18
N VAL A 93 10.16 10.45 -4.86
CA VAL A 93 9.70 9.26 -4.15
C VAL A 93 10.88 8.57 -3.48
N ALA A 94 11.95 8.36 -4.23
CA ALA A 94 13.12 7.67 -3.72
C ALA A 94 13.77 8.41 -2.55
N GLU A 95 13.67 9.75 -2.52
CA GLU A 95 14.32 10.51 -1.46
C GLU A 95 13.47 10.63 -0.20
N HIS A 96 12.14 10.45 -0.30
CA HIS A 96 11.26 10.85 0.80
C HIS A 96 10.32 9.78 1.32
N PHE A 97 9.92 8.82 0.49
CA PHE A 97 8.90 7.86 0.91
C PHE A 97 9.50 6.61 1.55
N ASP A 98 8.69 5.96 2.37
CA ASP A 98 9.08 4.71 3.03
C ASP A 98 8.64 3.48 2.26
N TRP A 99 7.51 3.56 1.56
CA TRP A 99 6.94 2.48 0.78
C TRP A 99 6.54 2.98 -0.60
N CYS A 100 6.56 2.08 -1.58
CA CYS A 100 5.97 2.34 -2.89
C CYS A 100 5.25 1.07 -3.32
N HIS A 101 3.95 1.18 -3.58
CA HIS A 101 3.12 0.02 -3.89
C HIS A 101 3.03 -0.28 -5.39
N THR A 102 3.64 0.54 -6.25
CA THR A 102 3.23 0.57 -7.66
C THR A 102 4.37 0.22 -8.63
N ILE A 103 5.19 -0.77 -8.26
CA ILE A 103 6.25 -1.24 -9.14
C ILE A 103 5.63 -2.16 -10.18
N ASP A 104 5.61 -1.72 -11.45
CA ASP A 104 5.09 -2.56 -12.53
C ASP A 104 6.03 -2.61 -13.73
N ARG A 105 7.23 -2.06 -13.63
CA ARG A 105 8.20 -2.19 -14.70
C ARG A 105 9.59 -2.12 -14.08
N LEU A 106 10.52 -2.91 -14.60
CA LEU A 106 11.84 -2.94 -14.00
C LEU A 106 12.52 -1.57 -14.03
N ARG A 107 12.27 -0.77 -15.07
CA ARG A 107 12.96 0.50 -15.22
C ARG A 107 12.61 1.49 -14.09
N ILE A 108 11.33 1.55 -13.67
CA ILE A 108 11.00 2.47 -12.59
C ILE A 108 11.63 2.02 -11.28
N ALA A 109 11.74 0.71 -11.06
CA ALA A 109 12.40 0.19 -9.88
C ALA A 109 13.90 0.49 -9.89
N THR A 110 14.55 0.38 -11.05
CA THR A 110 15.99 0.65 -11.07
C THR A 110 16.27 2.13 -10.85
N ARG A 111 15.42 3.01 -11.38
CA ARG A 111 15.54 4.44 -11.11
C ARG A 111 15.42 4.73 -9.62
N LEU A 112 14.38 4.18 -8.97
CA LEU A 112 14.21 4.39 -7.54
C LEU A 112 15.43 3.91 -6.77
N ASN A 113 15.97 2.76 -7.17
CA ASN A 113 17.16 2.23 -6.51
C ASN A 113 18.33 3.20 -6.65
N ASP A 114 18.56 3.70 -7.88
CA ASP A 114 19.72 4.55 -8.11
C ASP A 114 19.59 5.90 -7.41
N GLN A 115 18.37 6.40 -7.25
CA GLN A 115 18.16 7.72 -6.70
C GLN A 115 17.96 7.73 -5.19
N ARG A 116 17.95 6.56 -4.54
CA ARG A 116 17.72 6.44 -3.11
C ARG A 116 19.03 6.63 -2.36
N PRO A 117 19.15 7.66 -1.52
CA PRO A 117 20.38 7.84 -0.73
C PRO A 117 20.68 6.61 0.13
N ALA A 118 21.99 6.34 0.31
CA ALA A 118 22.42 5.12 0.98
C ALA A 118 22.15 5.13 2.48
N GLU A 119 22.09 6.32 3.09
CA GLU A 119 21.81 6.43 4.51
C GLU A 119 20.36 6.12 4.85
N LEU A 120 19.47 6.11 3.87
CA LEU A 120 18.11 5.73 4.19
C LEU A 120 17.99 4.21 4.22
N PRO A 121 17.02 3.68 4.95
CA PRO A 121 16.70 2.26 4.82
C PRO A 121 16.29 1.94 3.38
N PRO A 122 16.34 0.68 2.98
CA PRO A 122 15.86 0.35 1.65
C PRO A 122 14.37 0.67 1.52
N LEU A 123 14.01 1.21 0.36
CA LEU A 123 12.62 1.55 0.10
C LEU A 123 11.83 0.25 -0.04
N ASN A 124 10.85 0.07 0.84
CA ASN A 124 9.98 -1.10 0.74
C ASN A 124 9.10 -0.95 -0.50
N VAL A 125 9.10 -1.97 -1.36
CA VAL A 125 8.32 -1.91 -2.58
C VAL A 125 7.44 -3.14 -2.71
N LEU A 126 6.26 -2.94 -3.29
CA LEU A 126 5.38 -4.00 -3.71
C LEU A 126 5.30 -3.99 -5.22
N ILE A 127 5.08 -5.17 -5.81
CA ILE A 127 4.84 -5.27 -7.24
C ILE A 127 3.34 -5.27 -7.46
N GLN A 128 2.86 -4.36 -8.31
CA GLN A 128 1.43 -4.17 -8.54
C GLN A 128 0.94 -5.11 -9.63
N ILE A 129 -0.05 -5.90 -9.29
CA ILE A 129 -0.67 -6.81 -10.24
C ILE A 129 -1.96 -6.17 -10.75
N ASN A 130 -2.12 -6.12 -12.07
CA ASN A 130 -3.43 -5.85 -12.63
C ASN A 130 -4.17 -7.17 -12.65
N ILE A 131 -4.88 -7.45 -11.56
CA ILE A 131 -5.49 -8.76 -11.43
C ILE A 131 -6.80 -8.84 -12.23
N SER A 132 -7.52 -7.71 -12.37
CA SER A 132 -8.85 -7.80 -12.97
C SER A 132 -9.33 -6.53 -13.66
N ASP A 133 -8.45 -5.62 -14.07
CA ASP A 133 -8.90 -4.34 -14.63
C ASP A 133 -8.42 -4.17 -16.07
N GLU A 134 -9.34 -4.36 -17.02
CA GLU A 134 -9.01 -4.14 -18.43
C GLU A 134 -8.85 -2.66 -18.75
N ASN A 135 -9.46 -1.77 -17.95
CA ASN A 135 -9.41 -0.33 -18.19
C ASN A 135 -8.24 0.37 -17.51
N SER A 136 -7.34 -0.37 -16.87
CA SER A 136 -6.17 0.19 -16.22
C SER A 136 -4.91 -0.14 -16.99
N ALA A 137 -4.08 0.87 -17.22
CA ALA A 137 -2.74 0.66 -17.77
C ALA A 137 -1.69 0.48 -16.68
N SER A 138 -2.10 0.18 -15.44
CA SER A 138 -1.20 0.00 -14.31
C SER A 138 -1.23 -1.45 -13.83
N GLY A 139 -0.08 -1.93 -13.39
CA GLY A 139 0.10 -3.29 -12.91
C GLY A 139 0.46 -4.25 -14.03
N ILE A 140 1.15 -5.32 -13.66
CA ILE A 140 1.54 -6.35 -14.59
C ILE A 140 0.55 -7.50 -14.52
N GLN A 141 0.66 -8.41 -15.49
CA GLN A 141 -0.02 -9.69 -15.42
C GLN A 141 0.75 -10.67 -14.56
N LEU A 142 0.02 -11.60 -13.96
CA LEU A 142 0.63 -12.60 -13.07
C LEU A 142 1.70 -13.42 -13.78
N ALA A 143 1.53 -13.67 -15.08
CA ALA A 143 2.55 -14.43 -15.79
C ALA A 143 3.89 -13.71 -15.86
N GLU A 144 3.93 -12.41 -15.61
CA GLU A 144 5.19 -11.67 -15.63
C GLU A 144 5.81 -11.50 -14.24
N LEU A 145 5.19 -12.06 -13.19
CA LEU A 145 5.58 -11.72 -11.83
C LEU A 145 6.95 -12.28 -11.47
N ASP A 146 7.17 -13.57 -11.75
CA ASP A 146 8.42 -14.20 -11.33
C ASP A 146 9.63 -13.49 -11.93
N GLU A 147 9.51 -13.03 -13.17
CA GLU A 147 10.63 -12.39 -13.82
C GLU A 147 10.90 -11.01 -13.19
N LEU A 148 9.86 -10.18 -13.10
CA LEU A 148 10.02 -8.87 -12.49
C LEU A 148 10.50 -9.00 -11.04
N ALA A 149 9.90 -9.94 -10.29
CA ALA A 149 10.29 -10.10 -8.90
C ALA A 149 11.76 -10.44 -8.77
N ALA A 150 12.26 -11.34 -9.63
CA ALA A 150 13.65 -11.75 -9.52
C ALA A 150 14.60 -10.59 -9.86
N ALA A 151 14.23 -9.78 -10.86
CA ALA A 151 15.04 -8.62 -11.21
C ALA A 151 15.01 -7.56 -10.12
N VAL A 152 13.81 -7.24 -9.62
CA VAL A 152 13.69 -6.24 -8.58
C VAL A 152 14.38 -6.70 -7.30
N ALA A 153 14.35 -8.02 -7.03
CA ALA A 153 14.90 -8.56 -5.79
C ALA A 153 16.39 -8.25 -5.60
N GLU A 154 17.14 -8.01 -6.69
CA GLU A 154 18.57 -7.73 -6.55
C GLU A 154 18.89 -6.27 -6.29
N LEU A 155 17.94 -5.36 -6.44
CA LEU A 155 18.24 -3.94 -6.26
C LEU A 155 18.49 -3.67 -4.78
N PRO A 156 19.70 -3.23 -4.40
CA PRO A 156 20.06 -3.20 -2.97
C PRO A 156 19.41 -2.09 -2.16
N ARG A 157 19.05 -0.97 -2.79
CA ARG A 157 18.40 0.13 -2.10
C ARG A 157 16.89 -0.01 -2.05
N LEU A 158 16.36 -1.11 -2.59
CA LEU A 158 14.95 -1.48 -2.46
C LEU A 158 14.84 -2.76 -1.64
N ARG A 159 13.62 -3.04 -1.19
CA ARG A 159 13.33 -4.29 -0.51
C ARG A 159 11.97 -4.76 -0.97
N LEU A 160 11.92 -5.93 -1.61
CA LEU A 160 10.67 -6.46 -2.15
C LEU A 160 9.87 -7.14 -1.04
N ARG A 161 8.71 -6.57 -0.73
CA ARG A 161 7.93 -7.00 0.42
C ARG A 161 6.66 -7.74 0.04
N GLY A 162 6.25 -7.69 -1.21
CA GLY A 162 5.05 -8.40 -1.61
C GLY A 162 4.38 -7.75 -2.81
N LEU A 163 3.05 -7.78 -2.78
CA LEU A 163 2.20 -7.49 -3.93
C LEU A 163 1.17 -6.43 -3.55
N MET A 164 0.66 -5.77 -4.58
CA MET A 164 -0.48 -4.86 -4.45
C MET A 164 -1.36 -5.05 -5.68
N ALA A 165 -2.65 -4.81 -5.51
CA ALA A 165 -3.54 -4.79 -6.67
C ALA A 165 -4.71 -3.88 -6.38
N ILE A 166 -5.21 -3.26 -7.44
CA ILE A 166 -6.49 -2.56 -7.39
C ILE A 166 -7.44 -3.30 -8.32
N PRO A 167 -8.22 -4.25 -7.81
CA PRO A 167 -9.20 -4.94 -8.66
C PRO A 167 -10.15 -3.95 -9.30
N ALA A 168 -10.66 -4.33 -10.48
CA ALA A 168 -11.75 -3.56 -11.07
C ALA A 168 -12.89 -3.46 -10.06
N PRO A 169 -13.63 -2.35 -10.08
CA PRO A 169 -14.73 -2.19 -9.12
C PRO A 169 -15.71 -3.35 -9.27
N GLU A 170 -16.19 -3.82 -8.14
CA GLU A 170 -17.03 -5.01 -8.12
C GLU A 170 -17.91 -4.93 -6.89
N SER A 171 -19.21 -5.15 -7.08
CA SER A 171 -20.20 -5.04 -6.01
C SER A 171 -20.59 -6.40 -5.43
N GLU A 172 -20.53 -7.47 -6.23
CA GLU A 172 -20.75 -8.83 -5.79
C GLU A 172 -19.66 -9.31 -4.84
N TYR A 173 -20.03 -9.58 -3.57
CA TYR A 173 -19.07 -10.13 -2.61
C TYR A 173 -18.36 -11.37 -3.16
N VAL A 174 -19.08 -12.24 -3.87
CA VAL A 174 -18.48 -13.47 -4.40
C VAL A 174 -17.30 -13.13 -5.32
N ARG A 175 -17.50 -12.17 -6.21
CA ARG A 175 -16.42 -11.81 -7.12
C ARG A 175 -15.29 -11.09 -6.39
N GLN A 176 -15.64 -10.20 -5.45
CA GLN A 176 -14.64 -9.57 -4.59
C GLN A 176 -13.70 -10.59 -3.96
N PHE A 177 -14.28 -11.65 -3.36
CA PHE A 177 -13.48 -12.64 -2.65
C PHE A 177 -12.62 -13.45 -3.62
N GLU A 178 -13.20 -13.84 -4.75
CA GLU A 178 -12.47 -14.67 -5.70
C GLU A 178 -11.29 -13.93 -6.31
N VAL A 179 -11.49 -12.65 -6.65
CA VAL A 179 -10.38 -11.85 -7.19
C VAL A 179 -9.29 -11.69 -6.13
N ALA A 180 -9.68 -11.38 -4.90
CA ALA A 180 -8.70 -11.24 -3.83
C ALA A 180 -7.98 -12.57 -3.57
N ARG A 181 -8.70 -13.69 -3.64
CA ARG A 181 -8.07 -15.00 -3.46
C ARG A 181 -6.99 -15.26 -4.50
N GLN A 182 -7.27 -14.92 -5.77
CA GLN A 182 -6.22 -15.01 -6.79
C GLN A 182 -4.98 -14.25 -6.33
N MET A 183 -5.17 -13.07 -5.77
CA MET A 183 -4.03 -12.29 -5.27
C MET A 183 -3.37 -12.98 -4.10
N ALA A 184 -4.17 -13.49 -3.15
CA ALA A 184 -3.60 -14.17 -2.00
C ALA A 184 -2.81 -15.41 -2.44
N VAL A 185 -3.37 -16.16 -3.40
CA VAL A 185 -2.69 -17.33 -3.94
C VAL A 185 -1.33 -16.96 -4.50
N ALA A 186 -1.27 -15.90 -5.32
CA ALA A 186 0.00 -15.48 -5.91
C ALA A 186 0.96 -14.99 -4.83
N PHE A 187 0.43 -14.25 -3.85
CA PHE A 187 1.21 -13.81 -2.71
C PHE A 187 1.84 -14.99 -1.97
N ALA A 188 1.04 -16.03 -1.72
CA ALA A 188 1.56 -17.18 -0.99
C ALA A 188 2.67 -17.87 -1.78
N GLY A 189 2.49 -17.99 -3.09
CA GLY A 189 3.52 -18.61 -3.91
C GLY A 189 4.81 -17.83 -3.92
N LEU A 190 4.71 -16.51 -3.98
CA LEU A 190 5.90 -15.68 -3.89
C LEU A 190 6.56 -15.84 -2.53
N LYS A 191 5.76 -15.99 -1.48
CA LYS A 191 6.28 -16.10 -0.12
C LYS A 191 7.13 -17.37 0.07
N THR A 192 6.86 -18.43 -0.70
CA THR A 192 7.61 -19.68 -0.53
C THR A 192 9.09 -19.48 -0.87
N ARG A 193 9.40 -18.88 -2.02
CA ARG A 193 10.80 -18.78 -2.41
C ARG A 193 11.47 -17.47 -1.98
N TYR A 194 10.78 -16.32 -2.09
CA TYR A 194 11.49 -15.06 -1.84
C TYR A 194 11.56 -14.78 -0.33
N PRO A 195 12.60 -14.08 0.11
CA PRO A 195 12.69 -13.73 1.52
C PRO A 195 11.81 -12.54 1.87
N HIS A 196 11.45 -12.47 3.15
CA HIS A 196 10.73 -11.34 3.74
C HIS A 196 9.60 -10.80 2.84
N ILE A 197 8.79 -11.73 2.33
CA ILE A 197 7.53 -11.39 1.67
C ILE A 197 6.43 -11.39 2.73
N ASP A 198 6.00 -10.18 3.16
CA ASP A 198 5.00 -10.12 4.23
C ASP A 198 3.86 -9.14 3.96
N THR A 199 3.76 -8.56 2.78
CA THR A 199 2.78 -7.50 2.54
C THR A 199 1.92 -7.82 1.32
N LEU A 200 0.62 -7.96 1.53
CA LEU A 200 -0.37 -8.01 0.45
C LEU A 200 -1.27 -6.78 0.59
N SER A 201 -0.97 -5.73 -0.17
CA SER A 201 -1.75 -4.48 -0.15
C SER A 201 -2.98 -4.67 -1.02
N LEU A 202 -4.15 -4.81 -0.38
CA LEU A 202 -5.35 -5.27 -1.07
C LEU A 202 -6.57 -4.89 -0.24
N GLY A 203 -7.51 -4.17 -0.85
CA GLY A 203 -8.74 -3.84 -0.18
C GLY A 203 -8.90 -2.36 0.11
N MET A 204 -10.11 -1.84 -0.12
CA MET A 204 -10.44 -0.47 0.23
C MET A 204 -11.75 -0.48 1.01
N SER A 205 -12.36 0.69 1.16
CA SER A 205 -13.56 0.81 2.00
C SER A 205 -14.61 -0.24 1.65
N ASP A 206 -14.88 -0.43 0.35
CA ASP A 206 -16.06 -1.19 -0.06
C ASP A 206 -15.82 -2.70 -0.14
N ASP A 207 -14.59 -3.15 -0.36
CA ASP A 207 -14.30 -4.58 -0.43
C ASP A 207 -13.39 -5.04 0.70
N MET A 208 -13.36 -4.29 1.81
CA MET A 208 -12.45 -4.56 2.93
C MET A 208 -12.58 -5.99 3.45
N GLU A 209 -13.83 -6.47 3.61
CA GLU A 209 -14.07 -7.75 4.27
C GLU A 209 -13.62 -8.92 3.41
N ALA A 210 -13.95 -8.90 2.12
CA ALA A 210 -13.50 -9.98 1.25
C ALA A 210 -11.98 -9.97 1.12
N ALA A 211 -11.36 -8.79 1.07
CA ALA A 211 -9.91 -8.76 0.99
C ALA A 211 -9.29 -9.30 2.27
N ILE A 212 -9.91 -9.03 3.42
CA ILE A 212 -9.40 -9.54 4.68
C ILE A 212 -9.64 -11.04 4.77
N ALA A 213 -10.84 -11.49 4.40
CA ALA A 213 -11.14 -12.93 4.41
C ALA A 213 -10.21 -13.69 3.46
N ALA A 214 -9.81 -13.06 2.35
CA ALA A 214 -8.99 -13.73 1.34
C ALA A 214 -7.53 -13.78 1.74
N GLY A 215 -7.10 -12.87 2.61
CA GLY A 215 -5.74 -12.92 3.11
C GLY A 215 -4.93 -11.65 2.94
N SER A 216 -5.58 -10.52 2.67
CA SER A 216 -4.84 -9.26 2.64
C SER A 216 -4.18 -9.01 4.00
N THR A 217 -3.05 -8.29 3.99
CA THR A 217 -2.38 -7.88 5.21
C THR A 217 -2.44 -6.37 5.42
N MET A 218 -2.95 -5.62 4.46
CA MET A 218 -2.93 -4.16 4.50
C MET A 218 -4.09 -3.65 3.66
N VAL A 219 -4.97 -2.85 4.27
CA VAL A 219 -6.08 -2.25 3.55
C VAL A 219 -5.80 -0.75 3.41
N ARG A 220 -6.29 -0.18 2.31
CA ARG A 220 -6.06 1.21 1.94
C ARG A 220 -7.41 1.92 2.02
N ILE A 221 -7.62 2.71 3.07
CA ILE A 221 -8.92 3.29 3.36
C ILE A 221 -8.79 4.81 3.29
N GLY A 222 -9.56 5.42 2.39
CA GLY A 222 -9.62 6.87 2.32
C GLY A 222 -10.95 7.44 2.78
N THR A 223 -12.01 7.21 2.00
CA THR A 223 -13.31 7.83 2.23
C THR A 223 -13.79 7.62 3.66
N ALA A 224 -13.81 6.38 4.12
CA ALA A 224 -14.33 6.05 5.44
C ALA A 224 -13.58 6.74 6.58
N ILE A 225 -12.46 7.39 6.31
CA ILE A 225 -11.72 8.11 7.33
C ILE A 225 -11.82 9.63 7.15
N PHE A 226 -11.67 10.13 5.92
CA PHE A 226 -11.45 11.55 5.69
C PHE A 226 -12.58 12.24 4.94
N GLY A 227 -13.58 11.52 4.46
CA GLY A 227 -14.47 12.07 3.47
C GLY A 227 -14.10 11.64 2.07
N ALA A 228 -15.05 11.79 1.15
CA ALA A 228 -14.89 11.22 -0.19
C ALA A 228 -14.00 12.08 -1.10
N1 PLP B . -6.22 2.99 -2.56
C2 PLP B . -5.79 3.49 -3.77
C2A PLP B . -4.59 2.90 -4.47
C3 PLP B . -6.45 4.55 -4.37
O3 PLP B . -5.98 5.02 -5.56
C4 PLP B . -7.55 5.16 -3.75
C4A PLP B . -7.75 6.64 -4.01
O4A PLP B . -8.60 7.05 -4.80
C5 PLP B . -8.00 4.64 -2.53
C6 PLP B . -7.33 3.57 -1.95
C5A PLP B . -9.20 5.24 -1.83
O4P PLP B . -9.90 4.31 -1.00
P PLP B . -11.45 4.59 -0.56
O1P PLP B . -12.32 3.77 -1.49
O2P PLP B . -11.72 6.06 -0.76
O3P PLP B . -11.77 4.21 0.87
N1 PLP C . -1.59 17.25 -5.26
C2 PLP C . -2.70 16.95 -6.03
C2A PLP C . -4.05 17.01 -5.37
C3 PLP C . -2.51 16.58 -7.37
O3 PLP C . -3.58 16.28 -8.17
C4 PLP C . -1.22 16.54 -7.93
C4A PLP C . -1.19 16.37 -9.44
O4A PLP C . -0.71 15.38 -10.00
C5 PLP C . -0.10 16.84 -7.12
C6 PLP C . -0.32 17.21 -5.81
C5A PLP C . 1.37 16.85 -7.49
O4P PLP C . 1.62 16.44 -8.81
P PLP C . 2.64 15.23 -9.06
O1P PLP C . 2.72 14.93 -10.53
O2P PLP C . 2.12 13.98 -8.37
O3P PLP C . 3.97 15.65 -8.48
S SO4 D . 9.11 -2.27 8.34
O1 SO4 D . 8.20 -2.91 7.39
O2 SO4 D . 10.29 -1.77 7.61
O3 SO4 D . 8.42 -1.14 8.97
O4 SO4 D . 9.50 -3.25 9.34
S SO4 E . 16.26 13.01 -12.46
O1 SO4 E . 15.33 12.81 -13.57
O2 SO4 E . 17.58 13.38 -12.98
O3 SO4 E . 15.77 14.06 -11.56
O4 SO4 E . 16.38 11.78 -11.69
#